data_7OMD
#
_entry.id   7OMD
#
_cell.length_a   51.569
_cell.length_b   84.057
_cell.length_c   77.437
_cell.angle_alpha   90.000
_cell.angle_beta   90.720
_cell.angle_gamma   90.000
#
_symmetry.space_group_name_H-M   'P 1 21 1'
#
loop_
_entity.id
_entity.type
_entity.pdbx_description
1 polymer 'Coelenterazine h 2-monooxygenase'
2 non-polymer 6-(4-hydroxyphenyl)-2-[(4-hydroxyphenyl)methyl]-8-(phenylmethyl)-[1,2,4]triazolo[4,3-a]pyrazin-3-one
3 non-polymer 'DIMETHYL SULFOXIDE'
4 non-polymer DI(HYDROXYETHYL)ETHER
5 non-polymer 'CHLORIDE ION'
6 water water
#
_entity_poly.entity_id   1
_entity_poly.type   'polypeptide(L)'
_entity_poly.pdbx_seq_one_letter_code
;MTSKVYDPEQRKRMITGPQWWARCKQMNVLDSFINYYDSEKHAENAVIFLHGNATSSYLWRHVVPHIEPVARCIIPDLIG
MGKSGKSGNGSYRLLDHYKYLTAWFELLNLPKKIIFVGHDWGAALAFHYAYEHQDRIKAIVHMESVVDVIESWDEWPDIE
EAIALIKSEEGEKMVLENNFFVETVLPSKIMRKLEPEEFAAYLEPFKEKGEVRRPTLSWPREIPLVKGGKPDVVQIVRNY
NAYLRASDDLPKLFIESDPGFFSNAIVEGAKKFPNTEFVKVKGLHFLQEDAPDEMGKYIKSFVERVLKNEQHHHHHH
;
_entity_poly.pdbx_strand_id   A,B
#
# COMPACT_ATOMS: atom_id res chain seq x y z
N THR A 2 10.35 9.26 -10.70
CA THR A 2 10.82 10.37 -9.88
C THR A 2 11.73 9.85 -8.78
N SER A 3 12.69 10.67 -8.35
CA SER A 3 13.49 10.33 -7.18
C SER A 3 13.75 11.59 -6.38
N LYS A 4 14.02 11.40 -5.09
CA LYS A 4 14.35 12.50 -4.21
C LYS A 4 15.87 12.75 -4.24
N VAL A 5 16.30 13.87 -3.67
CA VAL A 5 17.69 14.29 -3.78
C VAL A 5 18.26 14.57 -2.40
N TYR A 6 19.57 14.36 -2.27
CA TYR A 6 20.24 14.68 -1.02
C TYR A 6 20.19 16.18 -0.77
N ASP A 7 20.03 16.54 0.48
CA ASP A 7 20.29 17.89 0.95
C ASP A 7 21.78 18.14 0.90
N PRO A 8 22.29 19.00 0.01
CA PRO A 8 23.75 19.15 -0.11
C PRO A 8 24.43 19.69 1.14
N GLU A 9 23.70 20.35 2.03
CA GLU A 9 24.30 20.87 3.26
C GLU A 9 24.17 19.92 4.44
N GLN A 10 23.41 18.83 4.28
CA GLN A 10 23.16 17.95 5.42
C GLN A 10 24.35 17.05 5.71
N ARG A 11 25.02 16.56 4.67
CA ARG A 11 26.11 15.62 4.88
C ARG A 11 27.19 16.21 5.78
N LYS A 12 27.36 17.54 5.75
CA LYS A 12 28.38 18.20 6.56
C LYS A 12 28.19 17.89 8.05
N ARG A 13 26.93 17.81 8.50
CA ARG A 13 26.63 17.64 9.92
C ARG A 13 26.03 16.27 10.24
N MET A 14 26.08 15.34 9.29
CA MET A 14 25.48 14.02 9.47
C MET A 14 26.04 13.31 10.71
N ILE A 15 25.16 12.59 11.39
CA ILE A 15 25.48 11.77 12.56
C ILE A 15 25.09 10.35 12.18
N THR A 16 26.07 9.46 12.05
CA THR A 16 25.74 8.10 11.66
C THR A 16 25.15 7.33 12.85
N GLY A 17 24.61 6.15 12.56
CA GLY A 17 24.13 5.28 13.61
C GLY A 17 25.18 5.01 14.68
N PRO A 18 26.32 4.45 14.29
CA PRO A 18 27.35 4.17 15.29
C PRO A 18 27.81 5.40 16.04
N GLN A 19 27.81 6.57 15.40
CA GLN A 19 28.14 7.79 16.12
C GLN A 19 27.09 8.10 17.18
N TRP A 20 25.81 7.96 16.83
CA TRP A 20 24.74 8.15 17.80
C TRP A 20 24.77 7.09 18.90
N TRP A 21 24.95 5.83 18.52
CA TRP A 21 24.86 4.75 19.50
C TRP A 21 25.97 4.81 20.54
N ALA A 22 27.15 5.29 20.14
CA ALA A 22 28.21 5.53 21.10
C ALA A 22 27.86 6.60 22.12
N ARG A 23 26.96 7.52 21.77
N ARG A 23 26.94 7.50 21.78
CA ARG A 23 26.55 8.57 22.69
CA ARG A 23 26.55 8.57 22.69
C ARG A 23 25.46 8.14 23.68
C ARG A 23 25.38 8.18 23.59
N CYS A 24 24.90 6.94 23.50
CA CYS A 24 23.79 6.45 24.31
C CYS A 24 24.28 5.59 25.49
N LYS A 25 23.35 5.31 26.39
CA LYS A 25 23.56 4.52 27.59
C LYS A 25 22.58 3.34 27.58
N GLN A 26 22.86 2.34 28.41
CA GLN A 26 21.94 1.23 28.57
C GLN A 26 21.65 1.02 30.03
N MET A 27 20.41 0.65 30.33
CA MET A 27 20.01 0.32 31.68
C MET A 27 19.10 -0.89 31.61
N ASN A 28 19.37 -1.88 32.45
CA ASN A 28 18.49 -3.03 32.56
C ASN A 28 17.11 -2.56 33.04
N VAL A 29 16.07 -3.14 32.45
CA VAL A 29 14.70 -2.78 32.76
C VAL A 29 13.85 -4.04 32.72
N LEU A 30 13.31 -4.46 33.86
CA LEU A 30 12.49 -5.68 33.93
C LEU A 30 13.35 -6.84 33.41
N ASP A 31 12.87 -7.63 32.45
CA ASP A 31 13.59 -8.76 31.90
C ASP A 31 14.40 -8.39 30.65
N SER A 32 14.69 -7.11 30.45
CA SER A 32 15.36 -6.69 29.23
C SER A 32 16.21 -5.45 29.55
N PHE A 33 16.37 -4.54 28.59
CA PHE A 33 17.12 -3.31 28.83
C PHE A 33 16.69 -2.26 27.80
N ILE A 34 16.96 -1.00 28.13
CA ILE A 34 16.60 0.15 27.28
C ILE A 34 17.87 0.90 26.95
N ASN A 35 18.07 1.16 25.66
CA ASN A 35 19.11 2.04 25.16
C ASN A 35 18.53 3.44 25.06
N TYR A 36 19.29 4.45 25.50
CA TYR A 36 18.72 5.78 25.52
C TYR A 36 19.81 6.83 25.54
N TYR A 37 19.42 8.03 25.10
CA TYR A 37 20.26 9.21 25.14
C TYR A 37 19.79 10.10 26.27
N ASP A 38 20.74 10.67 27.01
CA ASP A 38 20.46 11.48 28.19
C ASP A 38 21.46 12.62 28.23
N SER A 39 20.99 13.86 28.03
CA SER A 39 21.90 14.99 28.05
C SER A 39 22.27 15.42 29.47
N GLU A 40 21.57 14.89 30.48
CA GLU A 40 21.95 14.98 31.89
C GLU A 40 21.78 16.36 32.51
N LYS A 41 22.24 17.41 31.84
CA LYS A 41 22.33 18.71 32.48
C LYS A 41 20.96 19.39 32.57
N HIS A 42 20.85 20.31 33.53
CA HIS A 42 19.60 21.04 33.82
C HIS A 42 18.49 20.07 34.21
N ALA A 43 18.81 19.15 35.14
CA ALA A 43 17.92 18.07 35.52
C ALA A 43 16.71 18.53 36.33
N GLU A 44 16.57 19.84 36.59
CA GLU A 44 15.38 20.32 37.27
C GLU A 44 14.13 20.13 36.42
N ASN A 45 14.29 20.03 35.11
CA ASN A 45 13.21 19.65 34.21
C ASN A 45 13.67 18.44 33.40
N ALA A 46 12.69 17.73 32.84
CA ALA A 46 12.99 16.58 32.00
C ALA A 46 12.08 16.63 30.79
N VAL A 47 12.68 16.60 29.59
CA VAL A 47 11.94 16.54 28.34
C VAL A 47 12.19 15.17 27.76
N ILE A 48 11.15 14.35 27.72
CA ILE A 48 11.27 12.97 27.24
C ILE A 48 10.69 12.92 25.85
N PHE A 49 11.56 12.59 24.87
CA PHE A 49 11.22 12.51 23.44
C PHE A 49 10.91 11.06 23.11
N LEU A 50 9.73 10.80 22.56
CA LEU A 50 9.31 9.44 22.25
C LEU A 50 9.03 9.30 20.75
N HIS A 51 9.88 8.52 20.09
CA HIS A 51 9.65 8.12 18.71
C HIS A 51 8.47 7.16 18.61
N GLY A 52 8.08 6.88 17.36
CA GLY A 52 7.02 5.91 17.09
C GLY A 52 7.45 4.80 16.14
N ASN A 53 6.54 4.35 15.27
CA ASN A 53 6.88 3.22 14.44
C ASN A 53 7.99 3.55 13.44
N ALA A 54 8.78 2.50 13.10
CA ALA A 54 9.86 2.46 12.12
C ALA A 54 11.17 3.10 12.58
N THR A 55 11.11 3.92 13.63
CA THR A 55 12.23 4.77 13.97
C THR A 55 12.83 4.35 15.31
N SER A 56 13.63 5.24 15.90
CA SER A 56 14.28 5.03 17.19
C SER A 56 14.64 6.41 17.73
N SER A 57 15.39 6.44 18.84
CA SER A 57 15.90 7.70 19.37
C SER A 57 16.64 8.51 18.31
N TYR A 58 17.26 7.84 17.35
CA TYR A 58 17.99 8.46 16.26
C TYR A 58 17.18 9.54 15.55
N LEU A 59 15.86 9.34 15.48
CA LEU A 59 14.96 10.29 14.84
C LEU A 59 15.10 11.70 15.40
N TRP A 60 15.48 11.83 16.66
CA TRP A 60 15.53 13.13 17.30
C TRP A 60 16.91 13.76 17.32
N ARG A 61 17.90 13.15 16.65
CA ARG A 61 19.30 13.53 16.84
C ARG A 61 19.56 15.01 16.52
N HIS A 62 18.90 15.57 15.50
CA HIS A 62 19.11 16.97 15.14
C HIS A 62 18.10 17.89 15.79
N VAL A 63 17.09 17.35 16.46
CA VAL A 63 16.10 18.17 17.17
C VAL A 63 16.58 18.50 18.58
N VAL A 64 17.08 17.49 19.29
CA VAL A 64 17.42 17.58 20.71
C VAL A 64 18.50 18.64 21.02
N PRO A 65 19.51 18.90 20.18
CA PRO A 65 20.49 19.92 20.58
C PRO A 65 19.88 21.28 20.89
N HIS A 66 18.72 21.59 20.29
CA HIS A 66 18.09 22.87 20.57
C HIS A 66 17.53 22.97 21.98
N ILE A 67 17.21 21.83 22.60
CA ILE A 67 16.52 21.82 23.89
C ILE A 67 17.50 21.59 25.04
N GLU A 68 18.59 20.89 24.77
CA GLU A 68 19.55 20.57 25.83
C GLU A 68 19.93 21.78 26.68
N PRO A 69 20.14 22.99 26.14
CA PRO A 69 20.55 24.10 27.02
C PRO A 69 19.52 24.49 28.07
N VAL A 70 18.24 24.11 27.90
CA VAL A 70 17.19 24.58 28.81
C VAL A 70 16.62 23.48 29.69
N ALA A 71 16.87 22.20 29.41
CA ALA A 71 16.32 21.11 30.20
C ALA A 71 17.04 19.81 29.87
N ARG A 72 17.09 18.91 30.84
CA ARG A 72 17.58 17.55 30.61
C ARG A 72 16.70 16.87 29.57
N CYS A 73 17.32 16.34 28.52
CA CYS A 73 16.59 15.62 27.48
C CYS A 73 16.93 14.15 27.53
N ILE A 74 15.90 13.32 27.55
CA ILE A 74 16.02 11.88 27.65
C ILE A 74 15.25 11.29 26.49
N ILE A 75 15.89 10.39 25.75
CA ILE A 75 15.33 9.86 24.50
C ILE A 75 15.56 8.36 24.43
N PRO A 76 14.55 7.53 24.72
CA PRO A 76 14.74 6.08 24.65
C PRO A 76 14.56 5.54 23.24
N ASP A 77 15.21 4.41 22.99
CA ASP A 77 14.73 3.46 21.99
C ASP A 77 13.65 2.62 22.65
N LEU A 78 12.45 2.62 22.07
CA LEU A 78 11.39 1.77 22.60
C LEU A 78 11.83 0.30 22.52
N ILE A 79 11.20 -0.53 23.37
CA ILE A 79 11.62 -1.93 23.46
C ILE A 79 11.46 -2.60 22.09
N GLY A 80 12.43 -3.46 21.75
CA GLY A 80 12.45 -4.11 20.45
C GLY A 80 12.84 -3.22 19.28
N MET A 81 13.18 -1.96 19.54
CA MET A 81 13.50 -1.00 18.48
C MET A 81 14.85 -0.37 18.78
N GLY A 82 15.41 0.28 17.77
CA GLY A 82 16.75 0.84 17.93
C GLY A 82 17.71 -0.19 18.49
N LYS A 83 18.50 0.21 19.49
CA LYS A 83 19.46 -0.68 20.13
C LYS A 83 18.98 -1.15 21.50
N SER A 84 17.69 -1.03 21.79
CA SER A 84 17.21 -1.51 23.08
C SER A 84 17.17 -3.03 23.08
N GLY A 85 16.90 -3.60 24.25
CA GLY A 85 16.61 -5.01 24.35
C GLY A 85 15.29 -5.38 23.70
N LYS A 86 15.04 -6.68 23.67
CA LYS A 86 13.80 -7.21 23.14
C LYS A 86 12.83 -7.46 24.29
N SER A 87 11.56 -7.58 23.94
N SER A 87 11.54 -7.57 23.96
CA SER A 87 10.55 -7.91 24.93
CA SER A 87 10.57 -7.84 25.00
C SER A 87 10.78 -9.32 25.46
C SER A 87 10.66 -9.29 25.44
N GLY A 88 10.47 -9.51 26.74
CA GLY A 88 10.63 -10.84 27.31
C GLY A 88 9.70 -11.89 26.70
N ASN A 89 8.49 -11.49 26.33
CA ASN A 89 7.52 -12.43 25.77
C ASN A 89 7.36 -12.30 24.26
N GLY A 90 8.19 -11.51 23.58
CA GLY A 90 8.05 -11.31 22.16
C GLY A 90 6.83 -10.54 21.75
N SER A 91 6.14 -9.89 22.69
CA SER A 91 4.94 -9.10 22.41
C SER A 91 5.32 -7.63 22.35
N TYR A 92 4.72 -6.92 21.41
CA TYR A 92 5.08 -5.52 21.15
C TYR A 92 3.83 -4.67 20.97
N ARG A 93 2.81 -4.94 21.79
CA ARG A 93 1.60 -4.11 21.75
C ARG A 93 1.85 -2.83 22.56
N LEU A 94 0.90 -1.89 22.46
CA LEU A 94 1.02 -0.64 23.21
C LEU A 94 1.33 -0.88 24.68
N LEU A 95 0.60 -1.82 25.31
CA LEU A 95 0.81 -2.06 26.73
C LEU A 95 2.16 -2.69 27.03
N ASP A 96 2.71 -3.48 26.09
CA ASP A 96 4.05 -4.01 26.29
C ASP A 96 5.08 -2.89 26.31
N HIS A 97 5.00 -2.01 25.30
CA HIS A 97 5.86 -0.83 25.28
C HIS A 97 5.69 -0.01 26.53
N TYR A 98 4.44 0.17 26.97
CA TYR A 98 4.15 0.99 28.14
C TYR A 98 4.74 0.39 29.40
N LYS A 99 4.70 -0.95 29.52
CA LYS A 99 5.29 -1.63 30.67
C LYS A 99 6.78 -1.33 30.79
N TYR A 100 7.53 -1.45 29.68
CA TYR A 100 8.96 -1.19 29.73
C TYR A 100 9.26 0.29 29.92
N LEU A 101 8.47 1.16 29.28
CA LEU A 101 8.70 2.60 29.37
C LEU A 101 8.52 3.10 30.80
N THR A 102 7.43 2.67 31.46
CA THR A 102 7.19 3.17 32.81
C THR A 102 8.17 2.56 33.79
N ALA A 103 8.64 1.33 33.56
CA ALA A 103 9.67 0.79 34.45
C ALA A 103 10.98 1.55 34.28
N TRP A 104 11.29 1.93 33.03
CA TRP A 104 12.46 2.77 32.76
C TRP A 104 12.33 4.15 33.43
N PHE A 105 11.13 4.76 33.39
CA PHE A 105 10.92 6.05 34.04
C PHE A 105 11.30 5.98 35.51
N GLU A 106 10.94 4.88 36.18
N GLU A 106 10.96 4.87 36.17
CA GLU A 106 11.18 4.76 37.61
CA GLU A 106 11.18 4.71 37.61
C GLU A 106 12.67 4.82 37.95
C GLU A 106 12.64 4.54 37.97
N LEU A 107 13.54 4.51 36.99
CA LEU A 107 14.96 4.43 37.22
C LEU A 107 15.72 5.68 36.80
N LEU A 108 15.01 6.73 36.36
CA LEU A 108 15.64 7.90 35.74
C LEU A 108 15.81 9.09 36.66
N ASN A 109 15.37 9.00 37.92
CA ASN A 109 15.45 10.13 38.85
C ASN A 109 14.73 11.36 38.27
N LEU A 110 13.48 11.16 37.87
CA LEU A 110 12.73 12.21 37.19
C LEU A 110 12.22 13.25 38.17
N PRO A 111 12.00 14.48 37.72
CA PRO A 111 11.27 15.47 38.53
C PRO A 111 9.80 15.10 38.63
N LYS A 112 9.08 15.84 39.47
CA LYS A 112 7.67 15.56 39.68
C LYS A 112 6.85 15.80 38.42
N LYS A 113 7.13 16.89 37.73
CA LYS A 113 6.38 17.25 36.52
C LYS A 113 7.32 17.19 35.32
N ILE A 114 6.92 16.39 34.33
CA ILE A 114 7.73 16.04 33.16
C ILE A 114 7.12 16.67 31.91
N ILE A 115 7.98 17.00 30.93
CA ILE A 115 7.54 17.46 29.62
C ILE A 115 7.72 16.31 28.63
N PHE A 116 6.67 16.02 27.85
CA PHE A 116 6.78 14.96 26.84
C PHE A 116 6.76 15.54 25.44
N VAL A 117 7.53 14.95 24.54
CA VAL A 117 7.53 15.27 23.12
C VAL A 117 7.29 13.95 22.40
N GLY A 118 6.13 13.79 21.77
CA GLY A 118 5.74 12.52 21.17
C GLY A 118 5.43 12.60 19.69
N HIS A 119 5.89 11.61 18.95
CA HIS A 119 5.61 11.42 17.52
C HIS A 119 4.90 10.10 17.34
N ASP A 120 3.80 10.09 16.58
CA ASP A 120 3.17 8.81 16.16
C ASP A 120 2.83 8.03 17.42
N TRP A 121 3.15 6.72 17.51
CA TRP A 121 2.78 5.94 18.68
C TRP A 121 3.54 6.37 19.94
N GLY A 122 4.66 7.09 19.79
CA GLY A 122 5.28 7.68 20.96
C GLY A 122 4.37 8.68 21.66
N ALA A 123 3.57 9.41 20.87
CA ALA A 123 2.58 10.30 21.48
C ALA A 123 1.49 9.51 22.19
N ALA A 124 1.05 8.37 21.63
CA ALA A 124 0.09 7.54 22.35
C ALA A 124 0.62 7.12 23.72
N LEU A 125 1.90 6.76 23.77
CA LEU A 125 2.51 6.37 25.04
C LEU A 125 2.52 7.53 26.02
N ALA A 126 2.88 8.72 25.53
CA ALA A 126 2.87 9.89 26.40
C ALA A 126 1.45 10.23 26.88
N PHE A 127 0.47 10.16 25.99
CA PHE A 127 -0.92 10.45 26.35
C PHE A 127 -1.43 9.45 27.38
N HIS A 128 -1.11 8.18 27.22
CA HIS A 128 -1.57 7.18 28.17
C HIS A 128 -0.90 7.34 29.51
N TYR A 129 0.42 7.59 29.51
CA TYR A 129 1.11 7.89 30.76
C TYR A 129 0.46 9.08 31.45
N ALA A 130 0.22 10.15 30.69
CA ALA A 130 -0.39 11.34 31.26
C ALA A 130 -1.75 11.02 31.87
N TYR A 131 -2.59 10.24 31.18
CA TYR A 131 -3.91 9.94 31.72
C TYR A 131 -3.79 9.18 33.05
N GLU A 132 -2.80 8.29 33.13
CA GLU A 132 -2.61 7.48 34.33
C GLU A 132 -1.80 8.19 35.41
N HIS A 133 -1.17 9.32 35.10
CA HIS A 133 -0.33 10.05 36.05
C HIS A 133 -0.58 11.55 35.85
N GLN A 134 -1.82 11.98 36.11
CA GLN A 134 -2.20 13.32 35.68
C GLN A 134 -1.47 14.41 36.46
N ASP A 135 -0.87 14.07 37.60
CA ASP A 135 -0.13 15.03 38.40
C ASP A 135 1.37 15.05 38.05
N ARG A 136 1.80 14.27 37.05
CA ARG A 136 3.21 14.19 36.67
C ARG A 136 3.51 14.92 35.36
N ILE A 137 2.58 15.71 34.84
CA ILE A 137 2.68 16.24 33.47
C ILE A 137 2.81 17.76 33.52
N LYS A 138 3.94 18.29 33.02
CA LYS A 138 4.13 19.72 32.90
C LYS A 138 3.62 20.28 31.57
N ALA A 139 3.84 19.55 30.47
CA ALA A 139 3.47 19.99 29.14
C ALA A 139 3.63 18.82 28.19
N ILE A 140 2.89 18.84 27.09
CA ILE A 140 2.98 17.80 26.06
C ILE A 140 3.14 18.47 24.69
N VAL A 141 4.19 18.11 23.97
CA VAL A 141 4.36 18.42 22.55
C VAL A 141 3.96 17.18 21.78
N HIS A 142 3.13 17.31 20.75
CA HIS A 142 2.82 16.14 19.95
C HIS A 142 2.72 16.49 18.47
N MET A 143 2.88 15.47 17.65
CA MET A 143 2.96 15.60 16.19
C MET A 143 2.67 14.24 15.57
N GLU A 144 1.90 14.24 14.48
CA GLU A 144 1.56 12.98 13.78
C GLU A 144 1.10 11.92 14.76
N SER A 145 0.27 12.34 15.71
CA SER A 145 -0.01 11.62 16.94
C SER A 145 -1.30 10.80 16.84
N VAL A 146 -1.40 9.80 17.72
CA VAL A 146 -2.62 9.00 17.87
C VAL A 146 -3.50 9.79 18.84
N VAL A 147 -4.32 10.69 18.31
CA VAL A 147 -5.02 11.63 19.16
C VAL A 147 -6.38 11.10 19.64
N ASP A 148 -7.02 10.25 18.87
CA ASP A 148 -8.39 9.83 19.17
C ASP A 148 -8.64 8.51 18.46
N VAL A 149 -9.78 7.91 18.79
CA VAL A 149 -10.24 6.72 18.10
C VAL A 149 -10.78 7.17 16.75
N ILE A 150 -10.99 6.22 15.84
CA ILE A 150 -11.66 6.49 14.57
C ILE A 150 -13.04 5.86 14.65
N GLU A 151 -14.05 6.69 14.93
CA GLU A 151 -15.42 6.19 15.01
C GLU A 151 -15.91 5.80 13.62
N SER A 152 -16.95 4.96 13.60
CA SER A 152 -17.48 4.45 12.33
C SER A 152 -17.82 5.60 11.39
N TRP A 153 -18.43 6.67 11.91
CA TRP A 153 -18.87 7.77 11.07
C TRP A 153 -17.74 8.70 10.68
N ASP A 154 -16.55 8.57 11.29
CA ASP A 154 -15.38 9.36 10.96
C ASP A 154 -14.41 8.62 10.06
N GLU A 155 -14.74 7.39 9.66
CA GLU A 155 -13.87 6.69 8.74
C GLU A 155 -13.79 7.45 7.43
N TRP A 156 -12.57 7.57 6.90
CA TRP A 156 -12.38 8.15 5.59
C TRP A 156 -12.21 7.05 4.55
N PRO A 157 -12.46 7.35 3.26
CA PRO A 157 -12.45 6.30 2.24
C PRO A 157 -11.21 5.42 2.26
N ASP A 158 -11.45 4.12 2.48
CA ASP A 158 -10.51 3.02 2.40
C ASP A 158 -9.62 2.85 3.63
N ILE A 159 -9.91 3.50 4.76
CA ILE A 159 -9.18 3.14 5.97
C ILE A 159 -9.47 1.70 6.33
N GLU A 160 -10.69 1.24 6.04
CA GLU A 160 -11.02 -0.17 6.26
C GLU A 160 -10.08 -1.07 5.47
N GLU A 161 -9.86 -0.72 4.19
CA GLU A 161 -8.98 -1.51 3.34
C GLU A 161 -7.57 -1.56 3.91
N ALA A 162 -7.04 -0.39 4.29
CA ALA A 162 -5.65 -0.31 4.75
C ALA A 162 -5.42 -1.11 6.01
N ILE A 163 -6.33 -1.04 6.97
CA ILE A 163 -6.12 -1.78 8.21
C ILE A 163 -6.31 -3.26 7.99
N ALA A 164 -7.27 -3.65 7.14
CA ALA A 164 -7.41 -5.06 6.81
C ALA A 164 -6.15 -5.57 6.13
N LEU A 165 -5.52 -4.74 5.29
CA LEU A 165 -4.27 -5.12 4.66
C LEU A 165 -3.18 -5.38 5.69
N ILE A 166 -3.00 -4.46 6.66
CA ILE A 166 -1.89 -4.60 7.60
C ILE A 166 -2.17 -5.71 8.61
N LYS A 167 -3.44 -6.01 8.90
CA LYS A 167 -3.80 -7.10 9.79
C LYS A 167 -3.83 -8.46 9.10
N SER A 168 -3.70 -8.50 7.78
CA SER A 168 -3.74 -9.75 7.03
C SER A 168 -2.36 -10.40 6.98
N GLU A 169 -2.32 -11.65 6.52
CA GLU A 169 -1.04 -12.32 6.31
C GLU A 169 -0.23 -11.66 5.21
N GLU A 170 -0.90 -11.03 4.24
CA GLU A 170 -0.19 -10.21 3.27
C GLU A 170 0.53 -9.07 3.96
N GLY A 171 -0.11 -8.46 4.96
CA GLY A 171 0.55 -7.41 5.72
C GLY A 171 1.72 -7.92 6.52
N GLU A 172 1.56 -9.10 7.14
CA GLU A 172 2.67 -9.69 7.88
C GLU A 172 3.88 -9.93 6.98
N LYS A 173 3.66 -10.49 5.78
CA LYS A 173 4.81 -10.72 4.91
C LYS A 173 5.40 -9.40 4.41
N MET A 174 4.56 -8.39 4.14
CA MET A 174 5.05 -7.07 3.78
C MET A 174 6.04 -6.54 4.79
N VAL A 175 5.78 -6.78 6.08
CA VAL A 175 6.66 -6.26 7.11
C VAL A 175 7.77 -7.24 7.43
N LEU A 176 7.41 -8.46 7.83
CA LEU A 176 8.41 -9.41 8.29
C LEU A 176 9.37 -9.80 7.18
N GLU A 177 8.84 -10.05 5.97
CA GLU A 177 9.72 -10.45 4.87
C GLU A 177 10.32 -9.27 4.13
N ASN A 178 9.53 -8.22 3.86
CA ASN A 178 10.00 -7.13 2.99
C ASN A 178 10.38 -5.86 3.74
N ASN A 179 10.13 -5.78 5.05
CA ASN A 179 10.56 -4.62 5.86
C ASN A 179 9.91 -3.33 5.40
N PHE A 180 8.60 -3.41 5.14
CA PHE A 180 7.83 -2.34 4.51
C PHE A 180 7.99 -0.99 5.19
N PHE A 181 7.98 -0.95 6.53
CA PHE A 181 7.96 0.38 7.17
C PHE A 181 9.31 1.07 7.07
N VAL A 182 10.41 0.32 7.08
CA VAL A 182 11.74 0.90 6.97
C VAL A 182 12.11 1.15 5.51
N GLU A 183 11.89 0.16 4.64
CA GLU A 183 12.36 0.24 3.26
C GLU A 183 11.47 1.12 2.40
N THR A 184 10.17 1.20 2.73
CA THR A 184 9.20 1.90 1.90
C THR A 184 8.60 3.10 2.61
N VAL A 185 7.90 2.91 3.73
CA VAL A 185 7.18 4.01 4.35
C VAL A 185 8.14 5.12 4.75
N LEU A 186 9.22 4.77 5.44
CA LEU A 186 10.14 5.79 5.96
C LEU A 186 10.65 6.71 4.87
N PRO A 187 11.33 6.23 3.82
CA PRO A 187 11.76 7.14 2.75
C PRO A 187 10.60 7.82 2.02
N SER A 188 9.44 7.17 1.93
CA SER A 188 8.32 7.78 1.20
C SER A 188 7.75 8.98 1.94
N LYS A 189 7.97 9.08 3.26
CA LYS A 189 7.43 10.17 4.07
C LYS A 189 8.55 11.09 4.57
N ILE A 190 9.65 11.14 3.83
CA ILE A 190 10.71 12.14 3.98
C ILE A 190 10.87 12.85 2.63
N MET A 191 10.95 14.17 2.65
CA MET A 191 10.99 14.90 1.38
C MET A 191 12.36 14.82 0.71
N ARG A 192 13.43 14.97 1.48
CA ARG A 192 14.78 14.76 1.00
C ARG A 192 15.06 13.26 0.91
N LYS A 193 16.16 12.93 0.24
CA LYS A 193 16.71 11.59 0.29
C LYS A 193 17.71 11.52 1.44
N LEU A 194 17.51 10.55 2.34
CA LEU A 194 18.47 10.34 3.41
C LEU A 194 19.85 10.00 2.86
N GLU A 195 20.90 10.45 3.56
CA GLU A 195 22.24 9.97 3.28
C GLU A 195 22.28 8.47 3.54
N PRO A 196 23.11 7.72 2.81
CA PRO A 196 23.09 6.25 2.98
C PRO A 196 23.35 5.81 4.41
N GLU A 197 24.21 6.53 5.13
CA GLU A 197 24.50 6.21 6.53
C GLU A 197 23.29 6.48 7.42
N GLU A 198 22.50 7.51 7.10
CA GLU A 198 21.30 7.79 7.88
C GLU A 198 20.26 6.70 7.69
N PHE A 199 20.04 6.27 6.45
CA PHE A 199 19.12 5.17 6.23
C PHE A 199 19.61 3.90 6.91
N ALA A 200 20.93 3.64 6.84
CA ALA A 200 21.48 2.44 7.46
C ALA A 200 21.23 2.42 8.96
N ALA A 201 21.19 3.59 9.59
CA ALA A 201 20.89 3.65 11.02
C ALA A 201 19.45 3.22 11.32
N TYR A 202 18.52 3.57 10.44
CA TYR A 202 17.15 3.10 10.60
C TYR A 202 17.02 1.62 10.23
N LEU A 203 17.79 1.15 9.25
CA LEU A 203 17.67 -0.23 8.82
C LEU A 203 18.25 -1.19 9.87
N GLU A 204 19.33 -0.78 10.53
CA GLU A 204 20.17 -1.72 11.27
C GLU A 204 19.39 -2.60 12.25
N PRO A 205 18.50 -2.08 13.09
CA PRO A 205 17.78 -3.00 14.01
C PRO A 205 16.93 -4.02 13.27
N PHE A 206 16.51 -3.73 12.04
CA PHE A 206 15.57 -4.56 11.29
C PHE A 206 16.22 -5.11 10.02
N LYS A 207 17.54 -5.20 9.99
CA LYS A 207 18.26 -5.62 8.78
C LYS A 207 17.93 -7.07 8.42
N GLU A 208 17.82 -7.95 9.42
CA GLU A 208 17.49 -9.35 9.16
C GLU A 208 16.00 -9.54 8.92
N LYS A 209 15.69 -10.49 8.05
CA LYS A 209 14.30 -10.84 7.77
C LYS A 209 13.68 -11.55 8.95
N GLY A 210 12.35 -11.45 9.05
CA GLY A 210 11.63 -12.28 9.98
C GLY A 210 11.14 -11.60 11.23
N GLU A 211 11.06 -12.36 12.32
CA GLU A 211 10.33 -11.96 13.50
C GLU A 211 10.94 -10.74 14.20
N VAL A 212 12.22 -10.44 13.99
CA VAL A 212 12.83 -9.25 14.61
C VAL A 212 12.13 -7.96 14.18
N ARG A 213 11.41 -7.98 13.05
CA ARG A 213 10.66 -6.81 12.56
C ARG A 213 9.28 -6.70 13.17
N ARG A 214 8.90 -7.63 14.05
CA ARG A 214 7.56 -7.62 14.63
C ARG A 214 7.12 -6.28 15.21
N PRO A 215 7.96 -5.49 15.92
CA PRO A 215 7.43 -4.22 16.45
C PRO A 215 6.85 -3.31 15.38
N THR A 216 7.40 -3.34 14.16
CA THR A 216 6.90 -2.46 13.11
C THR A 216 5.60 -2.96 12.51
N LEU A 217 5.25 -4.25 12.70
CA LEU A 217 3.95 -4.80 12.34
C LEU A 217 2.93 -4.61 13.45
N SER A 218 3.36 -4.79 14.71
CA SER A 218 2.43 -4.72 15.83
C SER A 218 1.90 -3.31 16.04
N TRP A 219 2.72 -2.27 15.84
CA TRP A 219 2.25 -0.89 16.05
C TRP A 219 1.02 -0.56 15.21
N PRO A 220 1.05 -0.68 13.87
CA PRO A 220 -0.14 -0.31 13.10
C PRO A 220 -1.35 -1.18 13.42
N ARG A 221 -1.13 -2.43 13.83
CA ARG A 221 -2.26 -3.27 14.20
C ARG A 221 -2.92 -2.84 15.51
N GLU A 222 -2.32 -1.91 16.27
CA GLU A 222 -2.96 -1.33 17.44
C GLU A 222 -3.92 -0.19 17.10
N ILE A 223 -4.06 0.19 15.84
CA ILE A 223 -4.75 1.42 15.47
C ILE A 223 -6.16 1.43 16.05
N PRO A 224 -6.61 2.51 16.67
CA PRO A 224 -7.90 2.51 17.37
C PRO A 224 -9.09 2.77 16.46
N LEU A 225 -9.17 2.01 15.37
CA LEU A 225 -10.38 1.97 14.55
C LEU A 225 -11.43 1.18 15.32
N VAL A 226 -12.51 1.83 15.75
CA VAL A 226 -13.46 1.12 16.60
C VAL A 226 -13.99 -0.11 15.86
N LYS A 227 -14.18 0.00 14.54
CA LYS A 227 -14.53 -1.14 13.71
C LYS A 227 -13.40 -2.15 13.65
N GLY A 228 -13.42 -3.12 14.56
CA GLY A 228 -12.46 -4.20 14.56
C GLY A 228 -11.13 -3.88 15.23
N GLY A 229 -10.95 -2.68 15.74
CA GLY A 229 -9.71 -2.36 16.44
C GLY A 229 -9.62 -3.06 17.78
N LYS A 230 -8.38 -3.24 18.24
CA LYS A 230 -8.10 -3.86 19.52
C LYS A 230 -8.92 -3.17 20.62
N PRO A 231 -9.85 -3.88 21.27
CA PRO A 231 -10.73 -3.20 22.23
C PRO A 231 -9.98 -2.52 23.35
N ASP A 232 -8.89 -3.12 23.83
CA ASP A 232 -8.16 -2.49 24.93
C ASP A 232 -7.53 -1.17 24.49
N VAL A 233 -7.02 -1.09 23.25
CA VAL A 233 -6.43 0.16 22.81
C VAL A 233 -7.51 1.21 22.54
N VAL A 234 -8.65 0.79 21.98
CA VAL A 234 -9.73 1.74 21.77
C VAL A 234 -10.15 2.37 23.09
N GLN A 235 -10.23 1.56 24.16
CA GLN A 235 -10.59 2.10 25.47
C GLN A 235 -9.51 3.01 26.02
N ILE A 236 -8.24 2.63 25.84
CA ILE A 236 -7.13 3.47 26.29
C ILE A 236 -7.19 4.84 25.62
N VAL A 237 -7.42 4.85 24.31
CA VAL A 237 -7.47 6.11 23.59
C VAL A 237 -8.73 6.90 23.94
N ARG A 238 -9.87 6.20 24.08
CA ARG A 238 -11.08 6.85 24.58
C ARG A 238 -10.81 7.58 25.89
N ASN A 239 -10.11 6.91 26.81
CA ASN A 239 -9.86 7.50 28.12
C ASN A 239 -8.94 8.70 28.01
N TYR A 240 -7.82 8.56 27.29
CA TYR A 240 -6.92 9.70 27.32
C TYR A 240 -7.40 10.84 26.41
N ASN A 241 -8.23 10.56 25.40
CA ASN A 241 -8.78 11.64 24.59
C ASN A 241 -9.74 12.50 25.40
N ALA A 242 -10.59 11.86 26.20
CA ALA A 242 -11.51 12.61 27.05
C ALA A 242 -10.75 13.43 28.08
N TYR A 243 -9.67 12.87 28.63
CA TYR A 243 -8.83 13.61 29.56
C TYR A 243 -8.17 14.80 28.86
N LEU A 244 -7.65 14.59 27.65
CA LEU A 244 -7.00 15.68 26.93
C LEU A 244 -7.98 16.80 26.56
N ARG A 245 -9.21 16.44 26.17
CA ARG A 245 -10.21 17.45 25.80
C ARG A 245 -10.59 18.35 26.97
N ALA A 246 -10.42 17.87 28.20
CA ALA A 246 -10.80 18.61 29.39
C ALA A 246 -9.61 19.19 30.14
N SER A 247 -8.40 19.09 29.58
CA SER A 247 -7.18 19.47 30.31
C SER A 247 -6.81 20.93 30.03
N ASP A 248 -7.68 21.83 30.49
CA ASP A 248 -7.50 23.26 30.23
C ASP A 248 -6.19 23.79 30.79
N ASP A 249 -5.68 23.21 31.88
CA ASP A 249 -4.49 23.74 32.53
C ASP A 249 -3.20 23.07 32.10
N LEU A 250 -3.26 22.20 31.10
CA LEU A 250 -2.07 21.51 30.61
C LEU A 250 -1.61 22.17 29.33
N PRO A 251 -0.48 22.88 29.33
CA PRO A 251 -0.01 23.49 28.08
C PRO A 251 0.47 22.45 27.08
N LYS A 252 0.06 22.65 25.82
CA LYS A 252 0.36 21.73 24.74
C LYS A 252 0.90 22.49 23.54
N LEU A 253 1.71 21.79 22.74
CA LEU A 253 2.20 22.28 21.47
C LEU A 253 1.91 21.21 20.42
N PHE A 254 1.28 21.60 19.31
CA PHE A 254 1.04 20.68 18.22
C PHE A 254 1.82 21.15 17.00
N ILE A 255 2.64 20.27 16.45
CA ILE A 255 3.43 20.58 15.26
C ILE A 255 2.79 19.85 14.08
N GLU A 256 2.22 20.63 13.15
CA GLU A 256 1.52 20.12 11.99
C GLU A 256 2.47 20.01 10.79
N SER A 257 2.25 18.99 9.97
CA SER A 257 2.96 18.81 8.71
C SER A 257 1.99 18.81 7.53
N ASP A 258 2.41 18.32 6.36
CA ASP A 258 1.56 18.27 5.18
C ASP A 258 0.43 17.26 5.36
N PRO A 259 -0.74 17.51 4.77
CA PRO A 259 -1.83 16.52 4.84
C PRO A 259 -1.49 15.22 4.12
N GLY A 260 -2.03 14.12 4.67
CA GLY A 260 -1.79 12.78 4.17
C GLY A 260 -2.99 11.89 4.45
N PHE A 261 -2.93 10.68 3.87
CA PHE A 261 -4.01 9.70 4.03
C PHE A 261 -4.37 9.48 5.50
N PHE A 262 -3.38 9.39 6.38
CA PHE A 262 -3.65 9.23 7.80
C PHE A 262 -3.74 10.56 8.54
N SER A 263 -3.38 11.68 7.89
CA SER A 263 -3.08 12.92 8.61
C SER A 263 -4.31 13.69 9.02
N ASN A 264 -5.38 13.63 8.23
CA ASN A 264 -6.48 14.58 8.40
C ASN A 264 -7.18 14.39 9.74
N ALA A 265 -7.39 13.15 10.17
CA ALA A 265 -8.01 12.92 11.47
C ALA A 265 -7.16 13.46 12.61
N ILE A 266 -5.84 13.48 12.44
CA ILE A 266 -4.94 13.89 13.53
C ILE A 266 -5.08 15.38 13.83
N VAL A 267 -5.06 16.20 12.79
CA VAL A 267 -5.09 17.64 13.00
C VAL A 267 -6.44 18.06 13.58
N GLU A 268 -7.53 17.47 13.08
CA GLU A 268 -8.85 17.83 13.60
C GLU A 268 -9.04 17.36 15.04
N GLY A 269 -8.46 16.21 15.38
CA GLY A 269 -8.50 15.76 16.76
C GLY A 269 -7.69 16.65 17.68
N ALA A 270 -6.52 17.11 17.22
CA ALA A 270 -5.66 17.94 18.06
C ALA A 270 -6.30 19.28 18.39
N LYS A 271 -7.07 19.86 17.47
CA LYS A 271 -7.70 21.13 17.77
C LYS A 271 -8.81 21.01 18.81
N LYS A 272 -9.20 19.80 19.20
CA LYS A 272 -10.17 19.63 20.27
C LYS A 272 -9.55 19.72 21.67
N PHE A 273 -8.21 19.82 21.78
CA PHE A 273 -7.56 19.87 23.08
C PHE A 273 -7.28 21.31 23.45
N PRO A 274 -7.77 21.81 24.59
CA PRO A 274 -7.55 23.22 24.96
C PRO A 274 -6.10 23.48 25.32
N ASN A 275 -5.73 24.76 25.31
CA ASN A 275 -4.40 25.22 25.70
C ASN A 275 -3.33 24.60 24.79
N THR A 276 -3.58 24.66 23.49
CA THR A 276 -2.67 24.12 22.48
C THR A 276 -2.15 25.26 21.61
N GLU A 277 -0.83 25.42 21.59
CA GLU A 277 -0.18 26.30 20.62
C GLU A 277 0.10 25.52 19.34
N PHE A 278 -0.32 26.07 18.21
CA PHE A 278 -0.22 25.40 16.93
C PHE A 278 0.89 26.02 16.09
N VAL A 279 1.71 25.16 15.47
CA VAL A 279 2.76 25.58 14.56
C VAL A 279 2.80 24.59 13.39
N LYS A 280 3.53 24.98 12.35
CA LYS A 280 3.60 24.21 11.11
C LYS A 280 5.01 24.16 10.58
N VAL A 281 5.38 23.00 10.05
CA VAL A 281 6.60 22.79 9.30
C VAL A 281 6.21 22.12 7.99
N LYS A 282 6.96 22.40 6.94
CA LYS A 282 6.72 21.71 5.67
C LYS A 282 7.50 20.41 5.73
N GLY A 283 6.77 19.31 5.78
CA GLY A 283 7.33 17.98 5.88
C GLY A 283 6.19 17.00 5.70
N LEU A 284 6.53 15.73 5.76
CA LEU A 284 5.56 14.68 5.72
C LEU A 284 5.54 14.03 7.11
N HIS A 285 5.20 12.75 7.16
CA HIS A 285 5.04 12.10 8.46
C HIS A 285 6.32 12.15 9.28
N PHE A 286 7.47 11.87 8.67
CA PHE A 286 8.73 11.90 9.43
C PHE A 286 9.39 13.28 9.34
N LEU A 287 8.64 14.27 9.83
CA LEU A 287 9.00 15.67 9.65
C LEU A 287 10.33 16.04 10.32
N GLN A 288 10.75 15.29 11.34
CA GLN A 288 12.07 15.49 11.94
C GLN A 288 13.20 15.41 10.92
N GLU A 289 12.98 14.68 9.82
CA GLU A 289 14.07 14.56 8.87
C GLU A 289 14.09 15.69 7.85
N ASP A 290 13.03 16.49 7.75
CA ASP A 290 13.01 17.60 6.83
C ASP A 290 13.11 18.96 7.49
N ALA A 291 12.69 19.09 8.74
CA ALA A 291 12.77 20.38 9.40
C ALA A 291 13.22 20.28 10.85
N PRO A 292 14.33 19.59 11.15
CA PRO A 292 14.69 19.40 12.56
C PRO A 292 14.96 20.69 13.32
N ASP A 293 15.56 21.69 12.67
CA ASP A 293 15.93 22.90 13.39
C ASP A 293 14.72 23.78 13.65
N GLU A 294 13.85 23.95 12.65
CA GLU A 294 12.58 24.62 12.86
C GLU A 294 11.80 23.98 13.99
N MET A 295 11.70 22.65 13.98
N MET A 295 11.72 22.65 13.99
CA MET A 295 11.04 21.94 15.07
CA MET A 295 11.03 21.95 15.07
C MET A 295 11.71 22.21 16.40
C MET A 295 11.71 22.19 16.41
N GLY A 296 13.05 22.11 16.44
CA GLY A 296 13.76 22.29 17.69
C GLY A 296 13.60 23.69 18.25
N LYS A 297 13.59 24.70 17.38
CA LYS A 297 13.41 26.07 17.83
C LYS A 297 12.00 26.32 18.33
N TYR A 298 11.00 25.72 17.67
CA TYR A 298 9.61 25.83 18.12
C TYR A 298 9.44 25.18 19.49
N ILE A 299 9.98 23.97 19.67
CA ILE A 299 9.86 23.31 20.96
C ILE A 299 10.58 24.10 22.04
N LYS A 300 11.74 24.69 21.70
CA LYS A 300 12.52 25.41 22.70
C LYS A 300 11.77 26.64 23.21
N SER A 301 11.18 27.41 22.28
CA SER A 301 10.39 28.59 22.68
C SER A 301 9.22 28.19 23.56
N PHE A 302 8.58 27.07 23.20
CA PHE A 302 7.43 26.58 23.96
C PHE A 302 7.85 26.16 25.37
N VAL A 303 8.95 25.41 25.49
CA VAL A 303 9.42 25.01 26.82
C VAL A 303 9.79 26.23 27.63
N GLU A 304 10.51 27.18 27.01
CA GLU A 304 10.88 28.40 27.70
C GLU A 304 9.66 29.16 28.22
N ARG A 305 8.60 29.24 27.40
CA ARG A 305 7.39 29.92 27.83
C ARG A 305 6.69 29.16 28.95
N VAL A 306 6.66 27.83 28.87
CA VAL A 306 6.02 27.04 29.92
C VAL A 306 6.74 27.25 31.25
N LEU A 307 8.08 27.19 31.23
CA LEU A 307 8.86 27.33 32.45
C LEU A 307 8.74 28.73 33.04
N LYS A 308 8.90 29.75 32.19
CA LYS A 308 8.85 31.13 32.70
C LYS A 308 7.48 31.44 33.28
N ASN A 309 6.42 30.96 32.65
CA ASN A 309 5.07 31.21 33.14
C ASN A 309 4.69 30.34 34.33
N GLU A 310 5.43 29.27 34.61
CA GLU A 310 5.13 28.40 35.73
C GLU A 310 5.24 29.12 37.08
N THR B 2 -4.86 -12.07 10.53
CA THR B 2 -5.97 -12.75 9.85
C THR B 2 -5.48 -13.56 8.66
N SER B 3 -6.21 -14.63 8.35
CA SER B 3 -5.88 -15.52 7.25
C SER B 3 -7.13 -15.80 6.43
N LYS B 4 -6.96 -15.91 5.10
CA LYS B 4 -8.07 -16.35 4.28
C LYS B 4 -8.13 -17.87 4.28
N VAL B 5 -9.20 -18.41 3.70
CA VAL B 5 -9.54 -19.82 3.84
C VAL B 5 -9.48 -20.50 2.48
N TYR B 6 -8.91 -21.70 2.44
CA TYR B 6 -8.96 -22.50 1.21
C TYR B 6 -10.39 -22.84 0.84
N ASP B 7 -10.68 -22.85 -0.44
CA ASP B 7 -11.91 -23.44 -0.93
C ASP B 7 -11.80 -24.95 -0.79
N PRO B 8 -12.65 -25.59 0.01
CA PRO B 8 -12.48 -27.04 0.25
C PRO B 8 -12.71 -27.90 -0.99
N GLU B 9 -13.57 -27.46 -1.92
CA GLU B 9 -13.85 -28.20 -3.14
C GLU B 9 -12.81 -27.97 -4.23
N GLN B 10 -11.96 -26.96 -4.07
CA GLN B 10 -11.13 -26.51 -5.18
C GLN B 10 -9.92 -27.42 -5.39
N ARG B 11 -9.32 -27.89 -4.30
CA ARG B 11 -8.10 -28.68 -4.45
C ARG B 11 -8.34 -29.92 -5.31
N LYS B 12 -9.55 -30.49 -5.24
CA LYS B 12 -9.89 -31.67 -6.05
C LYS B 12 -9.76 -31.42 -7.54
N ARG B 13 -9.92 -30.18 -8.00
CA ARG B 13 -9.88 -29.88 -9.43
C ARG B 13 -8.72 -28.98 -9.81
N MET B 14 -7.76 -28.79 -8.91
CA MET B 14 -6.68 -27.84 -9.10
C MET B 14 -5.85 -28.16 -10.34
N ILE B 15 -5.45 -27.11 -11.04
CA ILE B 15 -4.56 -27.19 -12.19
C ILE B 15 -3.27 -26.52 -11.77
N THR B 16 -2.17 -27.28 -11.70
CA THR B 16 -0.90 -26.65 -11.37
C THR B 16 -0.42 -25.80 -12.55
N GLY B 17 0.57 -24.95 -12.27
CA GLY B 17 1.24 -24.20 -13.31
C GLY B 17 1.74 -25.07 -14.45
N PRO B 18 2.58 -26.05 -14.14
CA PRO B 18 3.10 -26.89 -15.22
C PRO B 18 2.01 -27.64 -15.97
N GLN B 19 0.91 -28.03 -15.30
CA GLN B 19 -0.16 -28.71 -16.01
C GLN B 19 -0.81 -27.78 -17.03
N TRP B 20 -0.97 -26.51 -16.66
CA TRP B 20 -1.51 -25.51 -17.59
C TRP B 20 -0.53 -25.23 -18.72
N TRP B 21 0.74 -25.01 -18.39
CA TRP B 21 1.72 -24.62 -19.40
C TRP B 21 1.91 -25.72 -20.44
N ALA B 22 1.79 -26.97 -20.03
CA ALA B 22 1.88 -28.10 -20.96
C ALA B 22 0.73 -28.11 -21.95
N ARG B 23 -0.39 -27.47 -21.63
CA ARG B 23 -1.55 -27.40 -22.52
C ARG B 23 -1.45 -26.22 -23.48
N CYS B 24 -0.42 -25.39 -23.37
CA CYS B 24 -0.25 -24.20 -24.17
C CYS B 24 0.65 -24.48 -25.36
N LYS B 25 0.63 -23.56 -26.32
CA LYS B 25 1.51 -23.58 -27.48
C LYS B 25 2.35 -22.31 -27.51
N GLN B 26 3.41 -22.33 -28.32
CA GLN B 26 4.23 -21.15 -28.51
C GLN B 26 4.29 -20.82 -29.98
N MET B 27 4.29 -19.53 -30.30
CA MET B 27 4.37 -19.08 -31.68
C MET B 27 5.33 -17.89 -31.72
N ASN B 28 6.27 -17.94 -32.66
CA ASN B 28 7.15 -16.79 -32.85
C ASN B 28 6.33 -15.59 -33.29
N VAL B 29 6.59 -14.45 -32.67
CA VAL B 29 5.89 -13.20 -32.97
C VAL B 29 6.92 -12.08 -33.00
N LEU B 30 7.04 -11.41 -34.14
CA LEU B 30 8.04 -10.37 -34.34
C LEU B 30 9.42 -10.88 -33.91
N ASP B 31 10.08 -10.19 -32.98
CA ASP B 31 11.38 -10.60 -32.46
C ASP B 31 11.27 -11.41 -31.16
N SER B 32 10.07 -11.84 -30.80
CA SER B 32 9.90 -12.65 -29.59
C SER B 32 8.99 -13.84 -29.86
N PHE B 33 8.18 -14.23 -28.87
CA PHE B 33 7.19 -15.27 -29.07
C PHE B 33 6.10 -15.13 -28.02
N ILE B 34 4.96 -15.75 -28.31
CA ILE B 34 3.81 -15.72 -27.42
C ILE B 34 3.47 -17.14 -27.00
N ASN B 35 3.33 -17.35 -25.69
CA ASN B 35 2.77 -18.58 -25.16
C ASN B 35 1.27 -18.41 -25.02
N TYR B 36 0.50 -19.39 -25.47
CA TYR B 36 -0.95 -19.20 -25.47
C TYR B 36 -1.66 -20.54 -25.42
N TYR B 37 -2.89 -20.49 -24.90
CA TYR B 37 -3.83 -21.61 -24.91
C TYR B 37 -4.79 -21.46 -26.09
N ASP B 38 -5.02 -22.55 -26.82
CA ASP B 38 -5.90 -22.52 -27.98
C ASP B 38 -6.73 -23.79 -27.99
N SER B 39 -8.04 -23.65 -27.77
CA SER B 39 -8.95 -24.80 -27.75
C SER B 39 -9.24 -25.36 -29.13
N GLU B 40 -8.87 -24.62 -30.19
CA GLU B 40 -8.86 -25.11 -31.58
C GLU B 40 -10.22 -25.32 -32.20
N LYS B 41 -11.10 -26.07 -31.53
CA LYS B 41 -12.36 -26.47 -32.14
C LYS B 41 -13.30 -25.29 -32.32
N HIS B 42 -14.22 -25.42 -33.29
CA HIS B 42 -15.27 -24.43 -33.56
C HIS B 42 -14.67 -23.08 -33.97
N ALA B 43 -13.76 -23.12 -34.95
CA ALA B 43 -12.97 -21.95 -35.28
C ALA B 43 -13.68 -20.96 -36.19
N GLU B 44 -14.96 -21.19 -36.51
CA GLU B 44 -15.74 -20.16 -37.18
C GLU B 44 -15.91 -18.92 -36.30
N ASN B 45 -15.72 -19.07 -34.99
CA ASN B 45 -15.65 -17.95 -34.08
C ASN B 45 -14.37 -18.06 -33.26
N ALA B 46 -13.97 -16.93 -32.69
CA ALA B 46 -12.80 -16.86 -31.84
C ALA B 46 -13.15 -15.99 -30.66
N VAL B 47 -13.00 -16.52 -29.45
CA VAL B 47 -13.12 -15.75 -28.21
C VAL B 47 -11.72 -15.60 -27.64
N ILE B 48 -11.22 -14.38 -27.62
CA ILE B 48 -9.86 -14.08 -27.17
C ILE B 48 -9.94 -13.50 -25.77
N PHE B 49 -9.33 -14.19 -24.81
CA PHE B 49 -9.34 -13.84 -23.39
C PHE B 49 -8.03 -13.14 -23.05
N LEU B 50 -8.12 -11.92 -22.47
CA LEU B 50 -6.93 -11.11 -22.18
C LEU B 50 -6.85 -10.79 -20.69
N HIS B 51 -5.85 -11.38 -20.03
CA HIS B 51 -5.51 -11.02 -18.65
C HIS B 51 -4.89 -9.63 -18.59
N GLY B 52 -4.70 -9.15 -17.36
CA GLY B 52 -4.06 -7.86 -17.13
C GLY B 52 -2.85 -7.98 -16.23
N ASN B 53 -2.64 -6.99 -15.38
CA ASN B 53 -1.45 -7.01 -14.54
C ASN B 53 -1.49 -8.16 -13.53
N ALA B 54 -0.28 -8.62 -13.16
CA ALA B 54 0.02 -9.61 -12.13
C ALA B 54 -0.24 -11.05 -12.57
N THR B 55 -1.05 -11.25 -13.61
CA THR B 55 -1.58 -12.57 -13.94
C THR B 55 -1.01 -13.05 -15.29
N SER B 56 -1.64 -14.08 -15.85
CA SER B 56 -1.29 -14.65 -17.14
C SER B 56 -2.50 -15.39 -17.66
N SER B 57 -2.32 -16.14 -18.76
CA SER B 57 -3.42 -16.94 -19.28
C SER B 57 -3.98 -17.91 -18.24
N TYR B 58 -3.15 -18.27 -17.25
CA TYR B 58 -3.55 -19.15 -16.15
C TYR B 58 -4.80 -18.66 -15.44
N LEU B 59 -4.97 -17.34 -15.38
CA LEU B 59 -6.13 -16.74 -14.71
C LEU B 59 -7.46 -17.29 -15.22
N TRP B 60 -7.52 -17.67 -16.50
CA TRP B 60 -8.73 -18.07 -17.17
C TRP B 60 -8.97 -19.58 -17.16
N ARG B 61 -8.12 -20.36 -16.49
CA ARG B 61 -8.11 -21.81 -16.66
C ARG B 61 -9.43 -22.48 -16.31
N HIS B 62 -10.17 -21.98 -15.31
CA HIS B 62 -11.43 -22.59 -14.92
C HIS B 62 -12.64 -21.88 -15.53
N VAL B 63 -12.41 -20.78 -16.22
CA VAL B 63 -13.46 -20.10 -16.95
C VAL B 63 -13.62 -20.70 -18.34
N VAL B 64 -12.49 -20.92 -19.01
CA VAL B 64 -12.51 -21.27 -20.43
C VAL B 64 -13.25 -22.55 -20.73
N PRO B 65 -13.22 -23.61 -19.90
CA PRO B 65 -13.92 -24.86 -20.31
C PRO B 65 -15.40 -24.66 -20.61
N HIS B 66 -16.04 -23.67 -19.99
CA HIS B 66 -17.46 -23.45 -20.23
C HIS B 66 -17.73 -22.96 -21.65
N ILE B 67 -16.77 -22.30 -22.28
CA ILE B 67 -17.02 -21.63 -23.56
C ILE B 67 -16.51 -22.47 -24.73
N GLU B 68 -15.51 -23.32 -24.47
CA GLU B 68 -14.93 -24.15 -25.54
C GLU B 68 -15.94 -24.90 -26.40
N PRO B 69 -17.06 -25.42 -25.88
CA PRO B 69 -17.99 -26.16 -26.75
C PRO B 69 -18.67 -25.30 -27.80
N VAL B 70 -18.65 -23.98 -27.71
CA VAL B 70 -19.38 -23.15 -28.65
C VAL B 70 -18.49 -22.26 -29.52
N ALA B 71 -17.22 -22.10 -29.18
CA ALA B 71 -16.34 -21.28 -30.00
C ALA B 71 -14.88 -21.58 -29.65
N ARG B 72 -14.02 -21.38 -30.64
CA ARG B 72 -12.58 -21.48 -30.41
C ARG B 72 -12.14 -20.42 -29.41
N CYS B 73 -11.48 -20.85 -28.34
CA CYS B 73 -11.03 -19.97 -27.27
C CYS B 73 -9.51 -19.85 -27.33
N ILE B 74 -9.01 -18.61 -27.34
CA ILE B 74 -7.59 -18.33 -27.44
C ILE B 74 -7.19 -17.40 -26.30
N ILE B 75 -6.12 -17.75 -25.59
CA ILE B 75 -5.76 -17.07 -24.35
C ILE B 75 -4.25 -16.87 -24.29
N PRO B 76 -3.73 -15.70 -24.61
CA PRO B 76 -2.28 -15.49 -24.57
C PRO B 76 -1.79 -15.14 -23.17
N ASP B 77 -0.49 -15.38 -22.96
CA ASP B 77 0.28 -14.66 -21.96
C ASP B 77 0.77 -13.40 -22.64
N LEU B 78 0.47 -12.23 -22.07
CA LEU B 78 0.96 -10.98 -22.63
C LEU B 78 2.49 -11.01 -22.61
N ILE B 79 3.09 -10.24 -23.52
CA ILE B 79 4.54 -10.24 -23.65
C ILE B 79 5.18 -9.89 -22.30
N GLY B 80 6.27 -10.58 -21.96
CA GLY B 80 6.93 -10.38 -20.68
C GLY B 80 6.22 -10.99 -19.49
N MET B 81 5.09 -11.67 -19.70
CA MET B 81 4.29 -12.24 -18.62
C MET B 81 4.07 -13.72 -18.89
N GLY B 82 3.63 -14.43 -17.86
CA GLY B 82 3.44 -15.86 -18.00
C GLY B 82 4.68 -16.53 -18.55
N LYS B 83 4.46 -17.39 -19.55
CA LYS B 83 5.53 -18.12 -20.24
C LYS B 83 5.80 -17.57 -21.64
N SER B 84 5.34 -16.36 -21.94
CA SER B 84 5.70 -15.75 -23.21
C SER B 84 7.14 -15.27 -23.21
N GLY B 85 7.61 -14.91 -24.40
CA GLY B 85 8.90 -14.27 -24.52
C GLY B 85 8.88 -12.88 -23.92
N LYS B 86 10.07 -12.28 -23.89
CA LYS B 86 10.22 -10.92 -23.43
C LYS B 86 10.12 -9.98 -24.61
N SER B 87 9.85 -8.71 -24.34
CA SER B 87 9.92 -7.76 -25.43
C SER B 87 11.38 -7.53 -25.81
N GLY B 88 11.60 -7.26 -27.09
CA GLY B 88 12.96 -7.19 -27.60
C GLY B 88 13.78 -6.11 -26.95
N ASN B 89 13.16 -5.00 -26.57
CA ASN B 89 13.85 -3.88 -25.97
C ASN B 89 13.54 -3.71 -24.49
N GLY B 90 12.93 -4.71 -23.87
CA GLY B 90 12.64 -4.65 -22.45
C GLY B 90 11.59 -3.65 -22.03
N SER B 91 10.82 -3.10 -22.97
CA SER B 91 9.80 -2.10 -22.67
C SER B 91 8.42 -2.76 -22.63
N TYR B 92 7.58 -2.31 -21.69
CA TYR B 92 6.31 -2.98 -21.40
C TYR B 92 5.20 -1.96 -21.17
N ARG B 93 5.18 -0.89 -21.96
CA ARG B 93 4.04 0.01 -21.93
C ARG B 93 2.88 -0.57 -22.73
N LEU B 94 1.73 0.08 -22.63
CA LEU B 94 0.52 -0.41 -23.31
C LEU B 94 0.79 -0.67 -24.80
N LEU B 95 1.44 0.28 -25.48
CA LEU B 95 1.70 0.12 -26.91
C LEU B 95 2.71 -1.00 -27.19
N ASP B 96 3.62 -1.27 -26.26
CA ASP B 96 4.52 -2.41 -26.44
C ASP B 96 3.72 -3.70 -26.41
N HIS B 97 2.85 -3.85 -25.41
CA HIS B 97 1.94 -4.99 -25.37
C HIS B 97 1.11 -5.08 -26.63
N TYR B 98 0.57 -3.94 -27.07
CA TYR B 98 -0.29 -3.90 -28.24
C TYR B 98 0.46 -4.31 -29.50
N LYS B 99 1.73 -3.91 -29.61
CA LYS B 99 2.53 -4.27 -30.78
C LYS B 99 2.64 -5.78 -30.93
N TYR B 100 2.99 -6.48 -29.84
CA TYR B 100 3.12 -7.94 -29.92
C TYR B 100 1.76 -8.59 -30.06
N LEU B 101 0.75 -8.08 -29.35
CA LEU B 101 -0.58 -8.67 -29.39
C LEU B 101 -1.16 -8.63 -30.80
N THR B 102 -1.07 -7.48 -31.47
CA THR B 102 -1.68 -7.37 -32.79
C THR B 102 -0.91 -8.19 -33.81
N ALA B 103 0.41 -8.26 -33.69
CA ALA B 103 1.18 -9.10 -34.61
C ALA B 103 0.84 -10.58 -34.41
N TRP B 104 0.54 -10.97 -33.17
CA TRP B 104 0.12 -12.34 -32.87
C TRP B 104 -1.26 -12.64 -33.46
N PHE B 105 -2.19 -11.70 -33.35
CA PHE B 105 -3.51 -11.86 -33.95
C PHE B 105 -3.40 -12.23 -35.43
N GLU B 106 -2.53 -11.52 -36.15
CA GLU B 106 -2.42 -11.67 -37.60
C GLU B 106 -1.94 -13.06 -38.01
N LEU B 107 -1.42 -13.83 -37.07
CA LEU B 107 -0.92 -15.18 -37.29
C LEU B 107 -1.89 -16.28 -36.85
N LEU B 108 -3.06 -15.92 -36.35
CA LEU B 108 -3.96 -16.88 -35.71
C LEU B 108 -5.07 -17.39 -36.62
N ASN B 109 -5.13 -16.95 -37.87
N ASN B 109 -5.13 -16.95 -37.87
CA ASN B 109 -6.22 -17.30 -38.79
CA ASN B 109 -6.22 -17.30 -38.79
C ASN B 109 -7.57 -17.01 -38.15
C ASN B 109 -7.57 -17.01 -38.15
N LEU B 110 -7.73 -15.77 -37.68
CA LEU B 110 -8.95 -15.36 -37.02
C LEU B 110 -10.10 -15.17 -38.01
N PRO B 111 -11.34 -15.32 -37.56
CA PRO B 111 -12.49 -14.92 -38.38
C PRO B 111 -12.54 -13.41 -38.54
N LYS B 112 -13.45 -12.99 -39.42
CA LYS B 112 -13.63 -11.57 -39.70
C LYS B 112 -14.02 -10.80 -38.45
N LYS B 113 -14.93 -11.33 -37.65
CA LYS B 113 -15.41 -10.63 -36.46
C LYS B 113 -15.12 -11.47 -35.23
N ILE B 114 -14.39 -10.88 -34.28
CA ILE B 114 -13.80 -11.55 -33.12
C ILE B 114 -14.57 -11.15 -31.85
N ILE B 115 -14.66 -12.09 -30.91
CA ILE B 115 -15.20 -11.80 -29.57
C ILE B 115 -14.04 -11.65 -28.60
N PHE B 116 -14.05 -10.60 -27.80
CA PHE B 116 -13.01 -10.35 -26.82
C PHE B 116 -13.57 -10.46 -25.41
N VAL B 117 -12.77 -11.01 -24.51
CA VAL B 117 -13.08 -11.08 -23.08
C VAL B 117 -11.90 -10.47 -22.36
N GLY B 118 -12.08 -9.31 -21.75
CA GLY B 118 -10.96 -8.53 -21.21
C GLY B 118 -11.12 -8.27 -19.72
N HIS B 119 -10.01 -8.38 -19.01
CA HIS B 119 -9.92 -8.08 -17.58
C HIS B 119 -8.80 -7.08 -17.37
N ASP B 120 -9.02 -6.06 -16.54
CA ASP B 120 -7.87 -5.25 -16.07
C ASP B 120 -7.27 -4.54 -17.30
N TRP B 121 -5.95 -4.46 -17.41
CA TRP B 121 -5.34 -3.85 -18.59
C TRP B 121 -5.56 -4.67 -19.86
N GLY B 122 -5.90 -5.96 -19.74
CA GLY B 122 -6.29 -6.72 -20.91
C GLY B 122 -7.50 -6.15 -21.61
N ALA B 123 -8.43 -5.58 -20.84
CA ALA B 123 -9.58 -4.93 -21.46
C ALA B 123 -9.17 -3.66 -22.19
N ALA B 124 -8.20 -2.92 -21.64
CA ALA B 124 -7.67 -1.75 -22.36
C ALA B 124 -7.11 -2.18 -23.71
N LEU B 125 -6.40 -3.30 -23.75
CA LEU B 125 -5.86 -3.79 -25.02
C LEU B 125 -6.98 -4.14 -26.00
N ALA B 126 -8.04 -4.78 -25.52
CA ALA B 126 -9.16 -5.13 -26.38
C ALA B 126 -9.90 -3.87 -26.87
N PHE B 127 -10.12 -2.91 -25.98
CA PHE B 127 -10.81 -1.68 -26.35
C PHE B 127 -10.03 -0.90 -27.39
N HIS B 128 -8.71 -0.83 -27.23
CA HIS B 128 -7.87 -0.12 -28.19
C HIS B 128 -7.84 -0.86 -29.53
N TYR B 129 -7.72 -2.19 -29.50
CA TYR B 129 -7.81 -2.95 -30.74
C TYR B 129 -9.12 -2.67 -31.46
N ALA B 130 -10.23 -2.68 -30.72
CA ALA B 130 -11.53 -2.44 -31.31
C ALA B 130 -11.63 -1.04 -31.93
N TYR B 131 -11.10 -0.02 -31.24
CA TYR B 131 -11.12 1.32 -31.80
C TYR B 131 -10.39 1.38 -33.14
N GLU B 132 -9.29 0.64 -33.26
CA GLU B 132 -8.47 0.64 -34.47
C GLU B 132 -8.92 -0.38 -35.50
N HIS B 133 -9.81 -1.30 -35.13
CA HIS B 133 -10.31 -2.33 -36.04
C HIS B 133 -11.83 -2.49 -35.84
N GLN B 134 -12.57 -1.43 -36.14
CA GLN B 134 -13.98 -1.39 -35.75
C GLN B 134 -14.83 -2.37 -36.53
N ASP B 135 -14.33 -2.86 -37.67
CA ASP B 135 -15.02 -3.87 -38.46
C ASP B 135 -14.67 -5.30 -38.06
N ARG B 136 -13.85 -5.49 -37.02
CA ARG B 136 -13.36 -6.81 -36.66
C ARG B 136 -13.96 -7.31 -35.35
N ILE B 137 -14.98 -6.65 -34.81
CA ILE B 137 -15.44 -6.91 -33.44
C ILE B 137 -16.86 -7.45 -33.47
N LYS B 138 -17.03 -8.68 -33.00
CA LYS B 138 -18.36 -9.29 -32.88
C LYS B 138 -19.02 -8.96 -31.55
N ALA B 139 -18.23 -8.90 -30.48
CA ALA B 139 -18.76 -8.63 -29.14
C ALA B 139 -17.60 -8.46 -28.19
N ILE B 140 -17.87 -7.80 -27.06
CA ILE B 140 -16.86 -7.59 -26.02
C ILE B 140 -17.46 -7.91 -24.66
N VAL B 141 -16.79 -8.78 -23.91
CA VAL B 141 -17.03 -9.00 -22.49
C VAL B 141 -15.95 -8.26 -21.72
N HIS B 142 -16.32 -7.50 -20.69
CA HIS B 142 -15.26 -6.91 -19.88
C HIS B 142 -15.63 -6.92 -18.41
N MET B 143 -14.62 -6.68 -17.57
CA MET B 143 -14.74 -6.80 -16.12
C MET B 143 -13.52 -6.13 -15.50
N GLU B 144 -13.72 -5.41 -14.41
CA GLU B 144 -12.62 -4.69 -13.72
C GLU B 144 -11.68 -4.04 -14.74
N SER B 145 -12.27 -3.29 -15.65
CA SER B 145 -11.63 -2.89 -16.89
C SER B 145 -11.26 -1.41 -16.88
N VAL B 146 -10.35 -1.03 -17.78
CA VAL B 146 -9.93 0.37 -17.92
C VAL B 146 -10.93 1.01 -18.89
N VAL B 147 -12.05 1.50 -18.34
CA VAL B 147 -13.15 1.95 -19.20
C VAL B 147 -12.97 3.38 -19.68
N ASP B 148 -12.32 4.24 -18.89
CA ASP B 148 -12.28 5.65 -19.23
C ASP B 148 -11.10 6.27 -18.48
N VAL B 149 -10.84 7.54 -18.78
CA VAL B 149 -9.78 8.30 -18.12
C VAL B 149 -10.24 8.63 -16.71
N ILE B 150 -9.33 9.14 -15.89
CA ILE B 150 -9.69 9.69 -14.59
C ILE B 150 -9.61 11.21 -14.73
N GLU B 151 -10.76 11.87 -14.59
CA GLU B 151 -10.85 13.30 -14.88
C GLU B 151 -10.34 14.13 -13.71
N SER B 152 -9.94 15.37 -14.06
CA SER B 152 -9.44 16.35 -13.08
C SER B 152 -10.40 16.51 -11.92
N TRP B 153 -11.69 16.66 -12.23
CA TRP B 153 -12.70 17.11 -11.30
C TRP B 153 -13.31 15.97 -10.49
N ASP B 154 -12.95 14.72 -10.75
CA ASP B 154 -13.51 13.63 -9.98
C ASP B 154 -12.75 13.53 -8.65
N GLU B 155 -13.50 13.57 -7.56
CA GLU B 155 -12.93 13.69 -6.22
C GLU B 155 -12.32 12.35 -5.83
N TRP B 156 -11.01 12.26 -5.93
CA TRP B 156 -10.26 11.17 -5.31
C TRP B 156 -9.33 11.81 -4.29
N PRO B 157 -9.65 11.71 -3.00
CA PRO B 157 -9.00 12.58 -2.01
C PRO B 157 -7.50 12.38 -1.86
N ASP B 158 -7.00 11.17 -2.06
CA ASP B 158 -5.60 10.87 -1.83
C ASP B 158 -4.89 10.43 -3.11
N ILE B 159 -5.40 10.86 -4.27
CA ILE B 159 -4.86 10.37 -5.53
C ILE B 159 -3.42 10.82 -5.71
N GLU B 160 -3.13 12.11 -5.46
CA GLU B 160 -1.80 12.65 -5.76
C GLU B 160 -0.73 11.93 -4.95
N GLU B 161 -1.00 11.65 -3.68
CA GLU B 161 -0.04 10.95 -2.84
C GLU B 161 0.24 9.54 -3.38
N ALA B 162 -0.81 8.83 -3.80
CA ALA B 162 -0.61 7.46 -4.29
C ALA B 162 0.05 7.47 -5.67
N ILE B 163 -0.31 8.43 -6.53
CA ILE B 163 0.34 8.50 -7.84
C ILE B 163 1.82 8.81 -7.69
N ALA B 164 2.16 9.68 -6.72
CA ALA B 164 3.56 9.93 -6.45
C ALA B 164 4.28 8.64 -6.04
N LEU B 165 3.64 7.82 -5.21
CA LEU B 165 4.28 6.59 -4.78
C LEU B 165 4.52 5.65 -5.95
N ILE B 166 3.51 5.48 -6.81
CA ILE B 166 3.64 4.62 -7.99
C ILE B 166 4.83 5.03 -8.84
N LYS B 167 4.98 6.33 -9.08
CA LYS B 167 6.02 6.84 -9.96
C LYS B 167 7.35 7.01 -9.26
N SER B 168 7.41 6.79 -7.96
CA SER B 168 8.61 7.05 -7.19
C SER B 168 9.53 5.85 -7.17
N GLU B 169 10.77 6.12 -6.77
CA GLU B 169 11.75 5.08 -6.51
C GLU B 169 11.25 4.07 -5.48
N GLU B 170 10.53 4.53 -4.46
CA GLU B 170 9.99 3.62 -3.45
C GLU B 170 8.99 2.66 -4.08
N GLY B 171 8.15 3.17 -4.98
CA GLY B 171 7.23 2.29 -5.69
C GLY B 171 7.95 1.29 -6.57
N GLU B 172 8.99 1.74 -7.29
CA GLU B 172 9.79 0.84 -8.12
C GLU B 172 10.36 -0.30 -7.30
N LYS B 173 10.93 0.00 -6.13
CA LYS B 173 11.53 -1.07 -5.34
C LYS B 173 10.47 -2.01 -4.77
N MET B 174 9.31 -1.46 -4.36
CA MET B 174 8.19 -2.30 -3.93
C MET B 174 7.91 -3.39 -4.96
N VAL B 175 7.94 -3.03 -6.23
CA VAL B 175 7.59 -3.97 -7.28
C VAL B 175 8.78 -4.82 -7.69
N LEU B 176 9.89 -4.17 -8.10
CA LEU B 176 11.01 -4.93 -8.64
C LEU B 176 11.72 -5.74 -7.58
N GLU B 177 11.87 -5.21 -6.36
CA GLU B 177 12.56 -5.95 -5.32
C GLU B 177 11.63 -6.85 -4.49
N ASN B 178 10.43 -6.36 -4.16
CA ASN B 178 9.53 -7.07 -3.25
C ASN B 178 8.33 -7.72 -3.94
N ASN B 179 8.20 -7.56 -5.27
CA ASN B 179 7.16 -8.27 -6.04
C ASN B 179 5.76 -7.93 -5.56
N PHE B 180 5.52 -6.64 -5.29
CA PHE B 180 4.27 -6.18 -4.66
C PHE B 180 3.01 -6.71 -5.35
N PHE B 181 2.99 -6.73 -6.69
CA PHE B 181 1.73 -7.06 -7.35
C PHE B 181 1.40 -8.54 -7.22
N VAL B 182 2.41 -9.41 -7.25
CA VAL B 182 2.19 -10.84 -7.13
C VAL B 182 2.09 -11.28 -5.67
N GLU B 183 3.01 -10.80 -4.83
CA GLU B 183 3.02 -11.26 -3.44
C GLU B 183 1.93 -10.65 -2.58
N THR B 184 1.51 -9.43 -2.86
CA THR B 184 0.57 -8.72 -2.00
C THR B 184 -0.74 -8.42 -2.71
N VAL B 185 -0.71 -7.71 -3.84
CA VAL B 185 -1.96 -7.25 -4.45
C VAL B 185 -2.81 -8.45 -4.86
N LEU B 186 -2.22 -9.38 -5.62
CA LEU B 186 -2.98 -10.52 -6.11
C LEU B 186 -3.70 -11.27 -4.98
N PRO B 187 -3.02 -11.77 -3.95
CA PRO B 187 -3.77 -12.48 -2.90
C PRO B 187 -4.71 -11.56 -2.14
N SER B 188 -4.39 -10.28 -2.01
CA SER B 188 -5.28 -9.39 -1.28
C SER B 188 -6.59 -9.16 -2.01
N LYS B 189 -6.64 -9.37 -3.33
CA LYS B 189 -7.84 -9.15 -4.14
C LYS B 189 -8.44 -10.45 -4.65
N ILE B 190 -8.22 -11.52 -3.89
CA ILE B 190 -8.90 -12.80 -4.03
C ILE B 190 -9.55 -13.11 -2.68
N MET B 191 -10.83 -13.48 -2.69
CA MET B 191 -11.53 -13.73 -1.43
C MET B 191 -11.05 -15.02 -0.77
N ARG B 192 -10.93 -16.11 -1.54
CA ARG B 192 -10.41 -17.34 -1.00
C ARG B 192 -8.89 -17.25 -0.86
N LYS B 193 -8.31 -18.24 -0.20
CA LYS B 193 -6.86 -18.41 -0.22
C LYS B 193 -6.52 -19.38 -1.34
N LEU B 194 -5.65 -18.96 -2.26
CA LEU B 194 -5.21 -19.85 -3.31
C LEU B 194 -4.52 -21.08 -2.72
N GLU B 195 -4.67 -22.22 -3.39
CA GLU B 195 -3.84 -23.36 -3.06
C GLU B 195 -2.38 -22.97 -3.27
N PRO B 196 -1.45 -23.52 -2.48
CA PRO B 196 -0.04 -23.16 -2.67
C PRO B 196 0.45 -23.32 -4.11
N GLU B 197 -0.01 -24.37 -4.79
CA GLU B 197 0.42 -24.62 -6.15
C GLU B 197 -0.16 -23.61 -7.11
N GLU B 198 -1.36 -23.10 -6.83
CA GLU B 198 -1.92 -22.06 -7.70
C GLU B 198 -1.16 -20.75 -7.53
N PHE B 199 -0.87 -20.38 -6.29
CA PHE B 199 -0.04 -19.20 -6.10
C PHE B 199 1.30 -19.37 -6.80
N ALA B 200 1.90 -20.56 -6.73
CA ALA B 200 3.20 -20.77 -7.36
C ALA B 200 3.14 -20.53 -8.86
N ALA B 201 2.00 -20.83 -9.48
CA ALA B 201 1.85 -20.60 -10.92
C ALA B 201 1.88 -19.11 -11.26
N TYR B 202 1.36 -18.26 -10.38
CA TYR B 202 1.46 -16.83 -10.58
C TYR B 202 2.84 -16.30 -10.23
N LEU B 203 3.48 -16.88 -9.22
CA LEU B 203 4.80 -16.43 -8.82
C LEU B 203 5.86 -16.75 -9.87
N GLU B 204 5.77 -17.94 -10.50
CA GLU B 204 6.88 -18.49 -11.28
C GLU B 204 7.49 -17.52 -12.30
N PRO B 205 6.72 -16.84 -13.16
CA PRO B 205 7.35 -15.89 -14.11
C PRO B 205 8.14 -14.77 -13.44
N PHE B 206 7.81 -14.44 -12.19
CA PHE B 206 8.36 -13.29 -11.49
C PHE B 206 9.11 -13.71 -10.23
N LYS B 207 9.55 -14.96 -10.18
CA LYS B 207 10.14 -15.49 -8.95
C LYS B 207 11.45 -14.80 -8.60
N GLU B 208 12.19 -14.33 -9.60
CA GLU B 208 13.46 -13.65 -9.35
C GLU B 208 13.23 -12.15 -9.20
N LYS B 209 14.09 -11.53 -8.38
CA LYS B 209 14.05 -10.10 -8.16
C LYS B 209 14.54 -9.35 -9.40
N GLY B 210 14.07 -8.11 -9.52
CA GLY B 210 14.64 -7.20 -10.49
C GLY B 210 13.85 -7.01 -11.77
N GLU B 211 14.58 -6.86 -12.87
CA GLU B 211 14.00 -6.38 -14.12
C GLU B 211 12.97 -7.35 -14.71
N VAL B 212 13.03 -8.64 -14.36
CA VAL B 212 12.01 -9.55 -14.87
C VAL B 212 10.60 -9.17 -14.40
N ARG B 213 10.49 -8.39 -13.32
CA ARG B 213 9.19 -7.94 -12.82
C ARG B 213 8.72 -6.65 -13.46
N ARG B 214 9.49 -6.09 -14.42
CA ARG B 214 9.17 -4.82 -15.05
C ARG B 214 7.73 -4.72 -15.54
N PRO B 215 7.15 -5.72 -16.21
CA PRO B 215 5.74 -5.56 -16.66
C PRO B 215 4.77 -5.19 -15.54
N THR B 216 4.96 -5.71 -14.33
CA THR B 216 4.02 -5.41 -13.26
C THR B 216 4.18 -3.99 -12.71
N LEU B 217 5.32 -3.34 -12.92
CA LEU B 217 5.48 -1.93 -12.56
C LEU B 217 5.03 -1.01 -13.69
N SER B 218 5.25 -1.40 -14.94
CA SER B 218 4.90 -0.52 -16.05
C SER B 218 3.39 -0.35 -16.20
N TRP B 219 2.61 -1.39 -15.89
CA TRP B 219 1.16 -1.30 -16.05
C TRP B 219 0.55 -0.17 -15.22
N PRO B 220 0.75 -0.10 -13.90
CA PRO B 220 0.14 1.00 -13.15
C PRO B 220 0.64 2.36 -13.58
N ARG B 221 1.87 2.44 -14.06
CA ARG B 221 2.39 3.72 -14.54
C ARG B 221 1.74 4.16 -15.84
N GLU B 222 0.94 3.30 -16.48
CA GLU B 222 0.16 3.68 -17.66
C GLU B 222 -1.18 4.32 -17.31
N ILE B 223 -1.50 4.51 -16.03
CA ILE B 223 -2.80 5.00 -15.58
C ILE B 223 -3.26 6.22 -16.38
N PRO B 224 -4.48 6.21 -16.92
CA PRO B 224 -4.94 7.34 -17.76
C PRO B 224 -5.47 8.51 -16.94
N LEU B 225 -4.56 9.11 -16.18
CA LEU B 225 -4.85 10.29 -15.36
C LEU B 225 -4.73 11.52 -16.23
N VAL B 226 -5.81 12.29 -16.35
CA VAL B 226 -5.77 13.50 -17.17
C VAL B 226 -4.70 14.45 -16.66
N LYS B 227 -4.60 14.61 -15.35
CA LYS B 227 -3.60 15.48 -14.74
C LYS B 227 -2.51 14.60 -14.15
N GLY B 228 -1.41 14.43 -14.90
CA GLY B 228 -0.28 13.67 -14.43
C GLY B 228 -0.06 12.34 -15.14
N GLY B 229 -1.05 11.85 -15.88
CA GLY B 229 -0.86 10.61 -16.59
C GLY B 229 -0.19 10.83 -17.94
N LYS B 230 0.35 9.75 -18.48
CA LYS B 230 1.06 9.84 -19.75
C LYS B 230 0.08 10.24 -20.85
N PRO B 231 0.31 11.35 -21.54
CA PRO B 231 -0.71 11.86 -22.48
C PRO B 231 -1.07 10.89 -23.59
N ASP B 232 -0.14 10.05 -24.04
CA ASP B 232 -0.49 9.14 -25.12
C ASP B 232 -1.48 8.08 -24.66
N VAL B 233 -1.38 7.59 -23.42
CA VAL B 233 -2.38 6.64 -22.95
C VAL B 233 -3.71 7.36 -22.68
N VAL B 234 -3.65 8.57 -22.14
CA VAL B 234 -4.88 9.35 -21.94
C VAL B 234 -5.64 9.49 -23.26
N GLN B 235 -4.93 9.77 -24.35
CA GLN B 235 -5.60 9.93 -25.64
C GLN B 235 -6.12 8.60 -26.18
N ILE B 236 -5.38 7.50 -25.96
CA ILE B 236 -5.87 6.19 -26.38
C ILE B 236 -7.21 5.91 -25.72
N VAL B 237 -7.29 6.11 -24.41
CA VAL B 237 -8.50 5.80 -23.65
C VAL B 237 -9.63 6.74 -24.03
N ARG B 238 -9.33 8.04 -24.19
CA ARG B 238 -10.36 8.96 -24.68
C ARG B 238 -10.93 8.47 -26.00
N ASN B 239 -10.06 8.03 -26.90
CA ASN B 239 -10.50 7.62 -28.23
C ASN B 239 -11.40 6.39 -28.15
N TYR B 240 -10.99 5.38 -27.39
CA TYR B 240 -11.83 4.18 -27.39
C TYR B 240 -13.04 4.34 -26.49
N ASN B 241 -12.97 5.21 -25.47
CA ASN B 241 -14.16 5.48 -24.69
C ASN B 241 -15.24 6.14 -25.53
N ALA B 242 -14.86 7.12 -26.35
CA ALA B 242 -15.83 7.75 -27.24
C ALA B 242 -16.41 6.73 -28.22
N TYR B 243 -15.57 5.86 -28.78
CA TYR B 243 -16.06 4.85 -29.70
C TYR B 243 -17.02 3.87 -29.01
N LEU B 244 -16.70 3.46 -27.78
CA LEU B 244 -17.56 2.52 -27.06
C LEU B 244 -18.89 3.15 -26.70
N ARG B 245 -18.89 4.43 -26.28
CA ARG B 245 -20.15 5.10 -25.97
C ARG B 245 -21.08 5.20 -27.18
N ALA B 246 -20.54 5.14 -28.39
CA ALA B 246 -21.35 5.28 -29.60
C ALA B 246 -21.62 3.97 -30.30
N SER B 247 -21.18 2.84 -29.74
CA SER B 247 -21.24 1.54 -30.41
C SER B 247 -22.54 0.81 -30.08
N ASP B 248 -23.65 1.41 -30.49
CA ASP B 248 -24.97 0.82 -30.22
C ASP B 248 -25.11 -0.57 -30.84
N ASP B 249 -24.42 -0.83 -31.95
CA ASP B 249 -24.59 -2.08 -32.66
C ASP B 249 -23.67 -3.19 -32.17
N LEU B 250 -22.79 -2.89 -31.20
CA LEU B 250 -21.81 -3.86 -30.73
C LEU B 250 -22.27 -4.47 -29.41
N PRO B 251 -22.68 -5.74 -29.39
CA PRO B 251 -23.15 -6.33 -28.12
C PRO B 251 -22.02 -6.49 -27.11
N LYS B 252 -22.33 -6.16 -25.85
CA LYS B 252 -21.35 -6.17 -24.78
C LYS B 252 -21.92 -6.86 -23.56
N LEU B 253 -21.02 -7.43 -22.77
CA LEU B 253 -21.35 -8.01 -21.46
C LEU B 253 -20.40 -7.41 -20.43
N PHE B 254 -20.94 -6.89 -19.34
CA PHE B 254 -20.11 -6.46 -18.24
C PHE B 254 -20.36 -7.37 -17.04
N ILE B 255 -19.29 -7.93 -16.48
CA ILE B 255 -19.36 -8.78 -15.31
C ILE B 255 -18.89 -7.98 -14.10
N GLU B 256 -19.85 -7.61 -13.24
CA GLU B 256 -19.59 -6.85 -12.03
C GLU B 256 -19.10 -7.77 -10.92
N SER B 257 -18.20 -7.24 -10.07
N SER B 257 -18.23 -7.23 -10.06
CA SER B 257 -17.75 -7.90 -8.84
CA SER B 257 -17.74 -7.87 -8.85
C SER B 257 -18.31 -7.14 -7.64
C SER B 257 -18.34 -7.17 -7.63
N ASP B 258 -17.74 -7.40 -6.46
CA ASP B 258 -18.27 -6.79 -5.23
C ASP B 258 -18.06 -5.27 -5.27
N PRO B 259 -19.01 -4.50 -4.71
CA PRO B 259 -18.83 -3.04 -4.66
C PRO B 259 -17.55 -2.66 -3.94
N GLY B 260 -16.78 -1.77 -4.55
CA GLY B 260 -15.59 -1.23 -3.95
C GLY B 260 -15.45 0.23 -4.32
N PHE B 261 -14.57 0.91 -3.58
CA PHE B 261 -14.35 2.35 -3.80
C PHE B 261 -14.09 2.65 -5.28
N PHE B 262 -13.13 1.94 -5.87
CA PHE B 262 -12.78 2.20 -7.26
C PHE B 262 -13.63 1.41 -8.25
N SER B 263 -14.00 0.17 -7.93
CA SER B 263 -14.81 -0.61 -8.86
C SER B 263 -16.16 0.04 -9.11
N ASN B 264 -16.68 0.80 -8.15
CA ASN B 264 -17.92 1.53 -8.39
C ASN B 264 -17.76 2.49 -9.56
N ALA B 265 -16.58 3.11 -9.67
CA ALA B 265 -16.32 4.01 -10.78
C ALA B 265 -16.23 3.25 -12.11
N ILE B 266 -15.68 2.03 -12.07
CA ILE B 266 -15.62 1.23 -13.29
C ILE B 266 -17.03 0.94 -13.80
N VAL B 267 -17.93 0.55 -12.89
CA VAL B 267 -19.29 0.19 -13.28
C VAL B 267 -20.03 1.39 -13.87
N GLU B 268 -19.85 2.57 -13.26
CA GLU B 268 -20.53 3.73 -13.79
C GLU B 268 -19.97 4.15 -15.15
N GLY B 269 -18.66 3.96 -15.38
CA GLY B 269 -18.14 4.14 -16.72
C GLY B 269 -18.73 3.15 -17.71
N ALA B 270 -18.82 1.87 -17.29
CA ALA B 270 -19.31 0.83 -18.19
C ALA B 270 -20.77 1.05 -18.56
N LYS B 271 -21.55 1.66 -17.66
CA LYS B 271 -22.95 1.89 -17.96
C LYS B 271 -23.15 2.89 -19.09
N LYS B 272 -22.12 3.69 -19.41
CA LYS B 272 -22.21 4.63 -20.51
C LYS B 272 -22.05 3.96 -21.87
N PHE B 273 -21.77 2.66 -21.92
CA PHE B 273 -21.65 1.98 -23.21
C PHE B 273 -22.98 1.31 -23.53
N PRO B 274 -23.61 1.63 -24.65
CA PRO B 274 -24.91 1.02 -24.96
C PRO B 274 -24.74 -0.44 -25.36
N ASN B 275 -25.88 -1.14 -25.37
CA ASN B 275 -25.94 -2.55 -25.76
C ASN B 275 -25.08 -3.40 -24.83
N THR B 276 -25.15 -3.11 -23.53
CA THR B 276 -24.41 -3.86 -22.51
C THR B 276 -25.38 -4.58 -21.61
N GLU B 277 -25.25 -5.90 -21.53
CA GLU B 277 -25.94 -6.69 -20.53
C GLU B 277 -25.05 -6.77 -19.29
N PHE B 278 -25.67 -6.61 -18.12
CA PHE B 278 -24.94 -6.57 -16.85
C PHE B 278 -25.25 -7.81 -16.05
N VAL B 279 -24.20 -8.49 -15.57
CA VAL B 279 -24.34 -9.63 -14.67
C VAL B 279 -23.40 -9.41 -13.49
N LYS B 280 -23.59 -10.21 -12.45
CA LYS B 280 -22.92 -10.00 -11.17
C LYS B 280 -22.38 -11.32 -10.63
N VAL B 281 -21.11 -11.33 -10.20
CA VAL B 281 -20.57 -12.44 -9.43
C VAL B 281 -19.95 -11.90 -8.14
N LYS B 282 -19.80 -12.79 -7.16
CA LYS B 282 -19.15 -12.41 -5.91
C LYS B 282 -17.65 -12.58 -6.06
N GLY B 283 -16.90 -11.51 -5.82
CA GLY B 283 -15.47 -11.53 -5.98
C GLY B 283 -14.92 -10.14 -5.76
N LEU B 284 -13.59 -10.05 -5.73
CA LEU B 284 -12.87 -8.79 -5.69
C LEU B 284 -12.26 -8.56 -7.08
N HIS B 285 -11.10 -7.91 -7.13
CA HIS B 285 -10.58 -7.54 -8.46
C HIS B 285 -10.28 -8.77 -9.30
N PHE B 286 -9.69 -9.81 -8.71
CA PHE B 286 -9.33 -11.02 -9.48
C PHE B 286 -10.43 -12.08 -9.40
N LEU B 287 -11.60 -11.66 -9.90
CA LEU B 287 -12.86 -12.39 -9.69
C LEU B 287 -12.84 -13.79 -10.32
N GLN B 288 -11.97 -14.05 -11.29
CA GLN B 288 -11.86 -15.39 -11.87
C GLN B 288 -11.47 -16.42 -10.82
N GLU B 289 -10.80 -16.00 -9.77
CA GLU B 289 -10.38 -16.96 -8.75
C GLU B 289 -11.46 -17.24 -7.72
N ASP B 290 -12.53 -16.47 -7.70
CA ASP B 290 -13.59 -16.70 -6.74
C ASP B 290 -14.90 -17.16 -7.37
N ALA B 291 -15.14 -16.81 -8.63
CA ALA B 291 -16.38 -17.24 -9.27
C ALA B 291 -16.17 -17.70 -10.71
N PRO B 292 -15.17 -18.56 -10.99
CA PRO B 292 -14.92 -18.89 -12.41
C PRO B 292 -16.07 -19.57 -13.11
N ASP B 293 -16.82 -20.45 -12.42
CA ASP B 293 -17.85 -21.21 -13.11
C ASP B 293 -19.06 -20.35 -13.41
N GLU B 294 -19.44 -19.48 -12.47
CA GLU B 294 -20.50 -18.53 -12.74
C GLU B 294 -20.13 -17.61 -13.89
N MET B 295 -18.86 -17.17 -13.93
N MET B 295 -18.87 -17.16 -13.92
CA MET B 295 -18.40 -16.31 -15.01
CA MET B 295 -18.39 -16.32 -15.02
C MET B 295 -18.43 -17.05 -16.36
C MET B 295 -18.47 -17.06 -16.35
N GLY B 296 -17.97 -18.30 -16.38
CA GLY B 296 -17.95 -19.05 -17.62
C GLY B 296 -19.35 -19.32 -18.14
N LYS B 297 -20.29 -19.58 -17.23
CA LYS B 297 -21.66 -19.81 -17.64
C LYS B 297 -22.31 -18.53 -18.17
N TYR B 298 -22.03 -17.39 -17.54
CA TYR B 298 -22.54 -16.11 -18.06
C TYR B 298 -21.95 -15.80 -19.43
N ILE B 299 -20.65 -16.03 -19.61
CA ILE B 299 -20.02 -15.74 -20.89
C ILE B 299 -20.53 -16.69 -21.97
N LYS B 300 -20.70 -17.97 -21.64
CA LYS B 300 -21.27 -18.92 -22.61
C LYS B 300 -22.65 -18.49 -23.07
N SER B 301 -23.53 -18.12 -22.13
CA SER B 301 -24.88 -17.69 -22.50
C SER B 301 -24.84 -16.45 -23.38
N PHE B 302 -23.93 -15.53 -23.08
CA PHE B 302 -23.80 -14.30 -23.85
C PHE B 302 -23.34 -14.61 -25.28
N VAL B 303 -22.31 -15.45 -25.41
CA VAL B 303 -21.82 -15.82 -26.74
C VAL B 303 -22.90 -16.52 -27.53
N GLU B 304 -23.62 -17.46 -26.89
CA GLU B 304 -24.71 -18.15 -27.55
C GLU B 304 -25.78 -17.18 -28.04
N ARG B 305 -26.09 -16.16 -27.23
CA ARG B 305 -27.11 -15.19 -27.64
C ARG B 305 -26.61 -14.32 -28.78
N VAL B 306 -25.34 -13.90 -28.73
CA VAL B 306 -24.77 -13.11 -29.81
C VAL B 306 -24.81 -13.90 -31.11
N LEU B 307 -24.46 -15.18 -31.05
CA LEU B 307 -24.45 -16.00 -32.27
C LEU B 307 -25.87 -16.25 -32.76
N LYS B 308 -26.81 -16.46 -31.84
CA LYS B 308 -28.22 -16.67 -32.22
C LYS B 308 -28.79 -15.44 -32.90
N ASN B 309 -28.50 -14.25 -32.39
CA ASN B 309 -29.04 -13.02 -32.97
C ASN B 309 -28.46 -12.73 -34.34
N GLU B 310 -27.32 -13.30 -34.68
CA GLU B 310 -26.73 -13.12 -36.00
C GLU B 310 -27.52 -13.85 -37.08
N GLN B 311 -28.72 -13.37 -37.38
CA GLN B 311 -29.57 -13.93 -38.43
C GLN B 311 -29.84 -15.42 -38.20
#